data_3BS8
#
_entry.id   3BS8
#
_cell.length_a   109.251
_cell.length_b   55.761
_cell.length_c   80.504
_cell.angle_alpha   90.00
_cell.angle_beta   132.02
_cell.angle_gamma   90.00
#
_symmetry.space_group_name_H-M   'C 1 2 1'
#
loop_
_entity.id
_entity.type
_entity.pdbx_description
1 polymer 'Glutamate-1-semialdehyde 2,1-aminomutase'
2 non-polymer "4'-DEOXY-4'-AMINOPYRIDOXAL-5'-PHOSPHATE"
3 water water
#
_entity_poly.entity_id   1
_entity_poly.type   'polypeptide(L)'
_entity_poly.pdbx_seq_one_letter_code
;MGHHHHHHMRSYEKSKTAFKEAQKLMPGGVNSPVRAFKSVDMDPIFMERGKGSKIFDIDGNEYIDYVLSWGPLILGHTND
RVVESLKKVAEYGTSFGAPTEVENELAKLVIDRVPSVEIVRMVSSGTEATMSALRLARGYTGRNKILKFEGCYHGHGDSL
LIKAGSGVATLGLPDSPGVPEGIAKNTITVPYNDLESVKLAFQQFGEDIAGVIVEPVAGNMGVVPPQEGFLQGLRDITEQ
YGSLLIFDEVMTGFRVDYNCAQGYFGVTPDLTCLGKVIGGGLPVGAYGGKAEIMEQIAPSGPIYQAGTLSGNPLAMTAGL
ETLKQLTPDSYKNFIKKGDRLEEGISKAAEAHGIPHTFNRAGSMIGFFFTNEPVINYETAKASDLKLFASYYKGMANEGV
FLPPSQFEGLFLSTAHTDEDIENTIQAAEKVFAEISRR
;
_entity_poly.pdbx_strand_id   A
#
loop_
_chem_comp.id
_chem_comp.type
_chem_comp.name
_chem_comp.formula
PMP non-polymer 4'-DEOXY-4'-AMINOPYRIDOXAL-5'-PHOSPHATE 'C8 H13 N2 O5 P'
#
# COMPACT_ATOMS: atom_id res chain seq x y z
N MET A 9 -2.48 -13.35 30.48
CA MET A 9 -2.59 -11.87 30.33
C MET A 9 -1.39 -11.35 29.54
N ARG A 10 -1.46 -10.08 29.14
CA ARG A 10 -0.43 -9.48 28.29
C ARG A 10 -0.20 -8.02 28.69
N SER A 11 1.05 -7.67 28.99
CA SER A 11 1.42 -6.32 29.44
C SER A 11 1.93 -5.44 28.31
N TYR A 12 1.42 -4.21 28.25
CA TYR A 12 1.83 -3.22 27.25
C TYR A 12 2.46 -1.99 27.91
N GLU A 13 3.10 -2.20 29.06
CA GLU A 13 3.62 -1.10 29.87
C GLU A 13 4.73 -0.30 29.20
N LYS A 14 5.74 -0.98 28.67
CA LYS A 14 6.85 -0.29 28.01
C LYS A 14 6.36 0.54 26.83
N SER A 15 5.43 -0.01 26.04
CA SER A 15 4.81 0.72 24.93
C SER A 15 4.02 1.93 25.42
N LYS A 16 3.38 1.80 26.58
CA LYS A 16 2.69 2.89 27.24
C LYS A 16 3.69 3.98 27.62
N THR A 17 4.82 3.55 28.20
CA THR A 17 5.88 4.45 28.60
C THR A 17 6.55 5.10 27.39
N ALA A 18 6.82 4.30 26.36
CA ALA A 18 7.46 4.80 25.14
C ALA A 18 6.59 5.81 24.40
N PHE A 19 5.28 5.55 24.37
CA PHE A 19 4.32 6.45 23.71
C PHE A 19 4.15 7.76 24.44
N LYS A 20 4.23 7.72 25.77
CA LYS A 20 4.21 8.92 26.59
C LYS A 20 5.39 9.82 26.20
N GLU A 21 6.57 9.22 26.03
CA GLU A 21 7.76 9.93 25.54
C GLU A 21 7.56 10.46 24.13
N ALA A 22 6.99 9.61 23.27
CA ALA A 22 6.77 9.93 21.87
C ALA A 22 5.91 11.17 21.69
N GLN A 23 4.89 11.30 22.55
CA GLN A 23 3.92 12.38 22.48
C GLN A 23 4.52 13.77 22.74
N LYS A 24 5.66 13.81 23.43
CA LYS A 24 6.37 15.07 23.65
C LYS A 24 7.50 15.31 22.64
N LEU A 25 7.54 14.54 21.56
CA LEU A 25 8.63 14.64 20.58
C LEU A 25 8.15 14.79 19.15
N MET A 26 7.01 14.17 18.85
CA MET A 26 6.45 14.16 17.51
C MET A 26 4.96 14.53 17.55
N PRO A 27 4.43 15.04 16.42
CA PRO A 27 3.00 15.29 16.33
C PRO A 27 2.21 13.99 16.47
N GLY A 28 1.33 13.94 17.46
CA GLY A 28 0.56 12.74 17.77
C GLY A 28 1.41 11.63 18.37
N GLY A 29 2.68 11.95 18.66
CA GLY A 29 3.63 10.97 19.18
C GLY A 29 4.11 9.97 18.15
N VAL A 30 3.97 10.32 16.88
CA VAL A 30 4.25 9.39 15.79
C VAL A 30 4.86 10.06 14.58
N ASN A 31 5.49 9.26 13.72
CA ASN A 31 6.01 9.73 12.45
C ASN A 31 5.03 9.45 11.30
N SER A 32 3.87 8.88 11.64
CA SER A 32 2.80 8.66 10.68
C SER A 32 1.48 8.42 11.43
N PRO A 33 0.41 9.15 11.06
CA PRO A 33 -0.89 9.13 11.74
C PRO A 33 -1.40 7.75 12.20
N VAL A 34 -1.47 6.77 11.31
CA VAL A 34 -1.98 5.43 11.64
C VAL A 34 -1.28 4.82 12.85
N ARG A 35 0.00 5.17 13.05
CA ARG A 35 0.79 4.63 14.15
C ARG A 35 0.33 5.13 15.51
N ALA A 36 -0.58 6.11 15.52
CA ALA A 36 -1.14 6.64 16.75
C ALA A 36 -2.25 5.74 17.33
N PHE A 37 -2.68 4.75 16.54
CA PHE A 37 -3.70 3.77 16.96
C PHE A 37 -5.06 4.40 17.33
N LYS A 38 -5.34 5.59 16.80
CA LYS A 38 -6.52 6.36 17.21
C LYS A 38 -7.87 5.67 16.96
N SER A 39 -7.86 4.59 16.20
CA SER A 39 -9.11 3.91 15.86
C SER A 39 -9.17 2.43 16.25
N VAL A 40 -8.49 2.04 17.32
CA VAL A 40 -8.42 0.62 17.70
C VAL A 40 -8.53 0.21 19.19
N ASP A 41 -9.01 1.10 20.06
CA ASP A 41 -9.27 0.74 21.48
C ASP A 41 -8.05 0.23 22.27
N MET A 42 -6.87 0.68 21.86
CA MET A 42 -5.65 0.51 22.63
C MET A 42 -4.63 1.50 22.07
N ASP A 43 -3.67 1.87 22.91
CA ASP A 43 -2.63 2.80 22.51
C ASP A 43 -1.52 2.09 21.72
N PRO A 44 -0.69 2.87 20.99
CA PRO A 44 0.34 2.32 20.12
C PRO A 44 1.22 1.25 20.75
N ILE A 45 1.44 0.19 19.97
CA ILE A 45 2.33 -0.88 20.35
C ILE A 45 3.70 -0.63 19.72
N PHE A 46 4.69 -0.41 20.58
CA PHE A 46 6.05 -0.17 20.14
C PHE A 46 6.75 -1.48 19.83
N MET A 47 7.30 -1.56 18.63
CA MET A 47 7.97 -2.77 18.19
C MET A 47 9.47 -2.59 18.25
N GLU A 48 10.19 -3.65 18.59
CA GLU A 48 11.64 -3.59 18.69
C GLU A 48 12.36 -4.60 17.81
N ARG A 49 11.69 -5.71 17.52
CA ARG A 49 12.25 -6.74 16.65
C ARG A 49 11.21 -7.62 16.00
N GLY A 50 11.65 -8.39 15.01
CA GLY A 50 10.80 -9.37 14.38
C GLY A 50 11.61 -10.51 13.83
N LYS A 51 10.93 -11.63 13.59
CA LYS A 51 11.54 -12.80 13.01
C LYS A 51 10.48 -13.58 12.25
N GLY A 52 10.57 -13.54 10.93
CA GLY A 52 9.58 -14.14 10.06
C GLY A 52 8.23 -13.47 10.20
N SER A 53 7.22 -14.28 10.52
CA SER A 53 5.85 -13.80 10.69
C SER A 53 5.64 -13.19 12.07
N LYS A 54 6.65 -13.30 12.92
CA LYS A 54 6.55 -12.82 14.30
C LYS A 54 7.15 -11.44 14.45
N ILE A 55 6.40 -10.59 15.15
CA ILE A 55 6.88 -9.28 15.53
C ILE A 55 6.81 -9.18 17.05
N PHE A 56 7.77 -8.51 17.63
CA PHE A 56 7.87 -8.43 19.07
C PHE A 56 7.86 -6.99 19.48
N ASP A 57 7.01 -6.67 20.44
CA ASP A 57 6.94 -5.31 20.95
C ASP A 57 8.05 -5.09 21.97
N ILE A 58 8.15 -3.88 22.49
CA ILE A 58 9.19 -3.56 23.44
C ILE A 58 8.89 -4.18 24.81
N ASP A 59 7.72 -4.78 24.93
CA ASP A 59 7.30 -5.49 26.13
C ASP A 59 7.59 -7.00 26.03
N GLY A 60 8.27 -7.39 24.95
CA GLY A 60 8.61 -8.78 24.71
C GLY A 60 7.47 -9.64 24.22
N ASN A 61 6.30 -9.03 24.02
CA ASN A 61 5.12 -9.76 23.54
C ASN A 61 5.26 -10.17 22.09
N GLU A 62 4.87 -11.40 21.82
CA GLU A 62 4.95 -11.96 20.48
C GLU A 62 3.62 -11.79 19.76
N TYR A 63 3.68 -11.40 18.50
CA TYR A 63 2.51 -11.27 17.68
C TYR A 63 2.74 -11.95 16.34
N ILE A 64 1.68 -12.50 15.77
CA ILE A 64 1.69 -12.84 14.36
C ILE A 64 1.39 -11.53 13.64
N ASP A 65 2.35 -11.10 12.83
CA ASP A 65 2.34 -9.81 12.18
C ASP A 65 1.56 -9.86 10.87
N TYR A 66 0.47 -9.11 10.80
CA TYR A 66 -0.28 -8.94 9.55
C TYR A 66 -0.19 -7.51 9.02
N VAL A 67 0.72 -6.72 9.59
CA VAL A 67 1.04 -5.38 9.10
C VAL A 67 2.27 -5.44 8.21
N LEU A 68 3.30 -6.15 8.66
CA LEU A 68 4.54 -6.36 7.92
C LEU A 68 5.13 -5.05 7.37
N SER A 69 5.22 -4.06 8.26
CA SER A 69 5.66 -2.70 7.95
C SER A 69 4.82 -2.02 6.87
N TRP A 70 3.60 -2.55 6.67
CA TRP A 70 2.62 -2.05 5.70
C TRP A 70 2.85 -2.55 4.27
N GLY A 71 3.58 -3.66 4.15
CA GLY A 71 3.82 -4.26 2.85
C GLY A 71 5.22 -4.72 2.49
N PRO A 72 6.27 -3.97 2.87
CA PRO A 72 7.65 -4.33 2.50
C PRO A 72 8.07 -5.75 2.90
N LEU A 73 7.69 -6.16 4.10
CA LEU A 73 8.19 -7.40 4.67
C LEU A 73 7.42 -8.62 4.19
N ILE A 74 7.38 -8.78 2.87
CA ILE A 74 6.70 -9.90 2.22
C ILE A 74 7.37 -11.25 2.52
N LEU A 75 8.61 -11.22 2.99
CA LEU A 75 9.32 -12.43 3.41
C LEU A 75 9.32 -12.54 4.93
N GLY A 76 8.55 -11.67 5.58
CA GLY A 76 8.50 -11.60 7.02
C GLY A 76 9.62 -10.71 7.55
N HIS A 77 9.82 -10.76 8.86
CA HIS A 77 10.85 -9.99 9.51
C HIS A 77 12.21 -10.66 9.43
N THR A 78 13.25 -9.83 9.37
CA THR A 78 14.62 -10.29 9.46
C THR A 78 14.91 -11.56 8.67
N ASN A 79 14.62 -11.54 7.38
CA ASN A 79 14.95 -12.68 6.55
C ASN A 79 16.47 -12.82 6.48
N ASP A 80 16.95 -14.02 6.77
CA ASP A 80 18.38 -14.31 6.87
C ASP A 80 19.22 -13.75 5.72
N ARG A 81 18.85 -14.09 4.48
CA ARG A 81 19.52 -13.57 3.30
C ARG A 81 19.53 -12.05 3.29
N VAL A 82 18.36 -11.45 3.48
CA VAL A 82 18.18 -10.00 3.39
C VAL A 82 19.06 -9.29 4.43
N VAL A 83 19.05 -9.82 5.65
CA VAL A 83 19.77 -9.24 6.77
C VAL A 83 21.30 -9.35 6.60
N GLU A 84 21.77 -10.51 6.19
CA GLU A 84 23.21 -10.72 6.02
C GLU A 84 23.77 -9.85 4.89
N SER A 85 23.01 -9.70 3.81
CA SER A 85 23.41 -8.86 2.68
C SER A 85 23.41 -7.38 3.06
N LEU A 86 22.49 -7.02 3.95
CA LEU A 86 22.37 -5.68 4.48
C LEU A 86 23.60 -5.32 5.31
N LYS A 87 24.03 -6.26 6.15
CA LYS A 87 25.25 -6.14 6.94
C LYS A 87 26.49 -6.00 6.05
N LYS A 88 26.53 -6.82 4.99
CA LYS A 88 27.59 -6.75 3.98
C LYS A 88 27.69 -5.35 3.38
N VAL A 89 26.54 -4.80 2.96
CA VAL A 89 26.50 -3.46 2.39
C VAL A 89 26.96 -2.42 3.40
N ALA A 90 26.37 -2.45 4.60
CA ALA A 90 26.76 -1.54 5.68
C ALA A 90 28.28 -1.44 5.82
N GLU A 91 28.97 -2.57 5.63
CA GLU A 91 30.44 -2.65 5.66
C GLU A 91 31.12 -1.79 4.60
N TYR A 92 30.54 -1.77 3.41
CA TYR A 92 31.09 -1.07 2.25
C TYR A 92 30.69 0.40 2.25
N GLY A 93 29.44 0.68 2.60
CA GLY A 93 28.93 2.04 2.62
C GLY A 93 27.43 2.12 2.59
N THR A 94 26.89 3.04 3.38
CA THR A 94 25.45 3.28 3.43
C THR A 94 25.00 3.98 2.16
N SER A 95 25.77 4.99 1.75
CA SER A 95 25.43 5.83 0.60
C SER A 95 26.70 6.45 0.04
N PHE A 96 26.68 6.78 -1.25
CA PHE A 96 27.83 7.40 -1.90
C PHE A 96 27.51 8.69 -2.64
N GLY A 97 26.23 8.96 -2.85
CA GLY A 97 25.80 10.13 -3.62
C GLY A 97 26.29 10.08 -5.06
N ALA A 98 26.70 8.89 -5.48
CA ALA A 98 27.19 8.64 -6.82
C ALA A 98 26.53 7.34 -7.29
N PRO A 99 26.51 7.10 -8.62
CA PRO A 99 25.90 5.87 -9.12
C PRO A 99 26.53 4.60 -8.54
N THR A 100 25.70 3.58 -8.35
CA THR A 100 26.15 2.28 -7.84
C THR A 100 25.64 1.19 -8.78
N GLU A 101 26.22 -0.01 -8.64
CA GLU A 101 25.82 -1.15 -9.45
C GLU A 101 24.53 -1.79 -8.97
N VAL A 102 24.29 -1.74 -7.66
CA VAL A 102 23.09 -2.32 -7.08
C VAL A 102 21.84 -1.58 -7.58
N GLU A 103 21.98 -0.26 -7.78
CA GLU A 103 20.93 0.53 -8.42
C GLU A 103 20.56 -0.04 -9.78
N ASN A 104 21.57 -0.42 -10.56
CA ASN A 104 21.37 -1.11 -11.83
C ASN A 104 20.66 -2.45 -11.64
N GLU A 105 21.15 -3.23 -10.68
CA GLU A 105 20.65 -4.58 -10.42
C GLU A 105 19.17 -4.59 -10.01
N LEU A 106 18.79 -3.72 -9.09
CA LEU A 106 17.37 -3.61 -8.72
C LEU A 106 16.54 -3.02 -9.86
N ALA A 107 17.06 -1.97 -10.48
CA ALA A 107 16.41 -1.33 -11.62
C ALA A 107 16.01 -2.36 -12.68
N LYS A 108 16.95 -3.17 -13.14
CA LYS A 108 16.65 -4.17 -14.16
C LYS A 108 15.72 -5.27 -13.65
N LEU A 109 15.85 -5.66 -12.38
CA LEU A 109 14.95 -6.64 -11.78
C LEU A 109 13.52 -6.11 -11.76
N VAL A 110 13.38 -4.86 -11.33
CA VAL A 110 12.10 -4.16 -11.36
C VAL A 110 11.57 -4.07 -12.80
N ILE A 111 12.47 -3.77 -13.75
CA ILE A 111 12.10 -3.72 -15.17
C ILE A 111 11.72 -5.09 -15.71
N ASP A 112 12.40 -6.14 -15.25
CA ASP A 112 12.13 -7.49 -15.71
C ASP A 112 10.87 -8.11 -15.10
N ARG A 113 10.42 -7.58 -13.96
CA ARG A 113 9.29 -8.15 -13.25
C ARG A 113 7.99 -7.34 -13.35
N VAL A 114 8.12 -6.01 -13.47
CA VAL A 114 6.95 -5.14 -13.64
C VAL A 114 6.74 -4.83 -15.12
N PRO A 115 5.63 -5.35 -15.69
CA PRO A 115 5.32 -5.30 -17.13
C PRO A 115 5.51 -3.93 -17.81
N SER A 116 4.87 -2.90 -17.28
CA SER A 116 4.90 -1.56 -17.86
C SER A 116 6.22 -0.82 -17.66
N VAL A 117 7.04 -1.27 -16.72
CA VAL A 117 8.26 -0.56 -16.37
C VAL A 117 9.41 -0.97 -17.28
N GLU A 118 9.82 -0.03 -18.15
CA GLU A 118 10.96 -0.21 -19.05
C GLU A 118 12.13 0.61 -18.54
N ILE A 119 11.82 1.81 -18.06
CA ILE A 119 12.80 2.69 -17.43
C ILE A 119 12.23 3.09 -16.08
N VAL A 120 13.05 2.94 -15.04
CA VAL A 120 12.63 3.22 -13.69
C VAL A 120 13.49 4.31 -13.05
N ARG A 121 12.89 5.04 -12.12
CA ARG A 121 13.61 6.03 -11.34
C ARG A 121 13.31 5.80 -9.86
N MET A 122 14.35 5.49 -9.10
CA MET A 122 14.21 5.23 -7.67
C MET A 122 14.07 6.53 -6.92
N VAL A 123 13.22 6.51 -5.90
CA VAL A 123 13.03 7.66 -5.02
C VAL A 123 13.05 7.17 -3.59
N SER A 124 12.76 8.07 -2.64
CA SER A 124 12.83 7.74 -1.22
C SER A 124 11.52 7.28 -0.60
N SER A 125 10.42 7.46 -1.33
CA SER A 125 9.09 7.07 -0.84
C SER A 125 8.05 6.86 -1.93
N GLY A 126 6.95 6.23 -1.57
CA GLY A 126 5.77 6.12 -2.43
C GLY A 126 5.16 7.48 -2.75
N THR A 127 5.19 8.38 -1.77
CA THR A 127 4.76 9.77 -1.95
C THR A 127 5.53 10.47 -3.07
N GLU A 128 6.85 10.27 -3.10
CA GLU A 128 7.71 10.83 -4.13
C GLU A 128 7.46 10.16 -5.47
N ALA A 129 7.27 8.83 -5.43
CA ALA A 129 7.02 8.05 -6.62
C ALA A 129 5.79 8.56 -7.36
N THR A 130 4.70 8.75 -6.61
CA THR A 130 3.43 9.17 -7.21
C THR A 130 3.45 10.64 -7.60
N MET A 131 4.02 11.47 -6.73
CA MET A 131 4.18 12.89 -6.99
C MET A 131 4.97 13.12 -8.28
N SER A 132 6.07 12.39 -8.41
CA SER A 132 6.92 12.45 -9.60
C SER A 132 6.20 11.91 -10.82
N ALA A 133 5.40 10.86 -10.65
CA ALA A 133 4.59 10.28 -11.72
C ALA A 133 3.54 11.27 -12.23
N LEU A 134 2.86 11.94 -11.30
CA LEU A 134 1.88 12.97 -11.65
C LEU A 134 2.50 14.12 -12.44
N ARG A 135 3.67 14.56 -11.99
CA ARG A 135 4.43 15.62 -12.65
C ARG A 135 4.91 15.15 -14.01
N LEU A 136 5.40 13.92 -14.08
CA LEU A 136 5.77 13.31 -15.34
C LEU A 136 4.57 13.29 -16.29
N ALA A 137 3.45 12.74 -15.84
CA ALA A 137 2.23 12.68 -16.64
C ALA A 137 1.83 14.05 -17.19
N ARG A 138 1.90 15.06 -16.33
CA ARG A 138 1.53 16.43 -16.69
C ARG A 138 2.55 17.09 -17.62
N GLY A 139 3.83 16.80 -17.40
CA GLY A 139 4.89 17.35 -18.23
C GLY A 139 4.95 16.69 -19.59
N TYR A 140 4.74 15.37 -19.61
CA TYR A 140 4.80 14.60 -20.85
C TYR A 140 3.64 14.95 -21.78
N THR A 141 2.46 15.09 -21.20
CA THR A 141 1.26 15.34 -21.99
C THR A 141 1.02 16.83 -22.20
N GLY A 142 1.71 17.68 -21.45
CA GLY A 142 1.46 19.13 -21.48
C GLY A 142 0.07 19.48 -20.97
N ARG A 143 -0.47 18.62 -20.12
CA ARG A 143 -1.83 18.77 -19.62
C ARG A 143 -1.82 18.99 -18.12
N ASN A 144 -2.91 19.53 -17.60
CA ASN A 144 -2.95 19.95 -16.21
C ASN A 144 -3.69 19.00 -15.26
N LYS A 145 -4.68 18.28 -15.77
CA LYS A 145 -5.61 17.56 -14.90
C LYS A 145 -5.25 16.11 -14.62
N ILE A 146 -5.43 15.71 -13.36
CA ILE A 146 -5.20 14.34 -12.94
C ILE A 146 -6.49 13.76 -12.37
N LEU A 147 -6.85 12.57 -12.83
CA LEU A 147 -7.99 11.86 -12.27
C LEU A 147 -7.55 10.80 -11.26
N LYS A 148 -8.04 10.92 -10.04
CA LYS A 148 -7.82 9.91 -9.00
C LYS A 148 -9.14 9.34 -8.52
N PHE A 149 -9.07 8.35 -7.64
CA PHE A 149 -10.27 7.67 -7.17
C PHE A 149 -10.48 7.80 -5.67
N GLU A 150 -11.73 8.10 -5.28
CA GLU A 150 -12.12 8.23 -3.89
C GLU A 150 -11.76 6.98 -3.10
N GLY A 151 -11.01 7.16 -2.03
CA GLY A 151 -10.54 6.04 -1.20
C GLY A 151 -9.13 5.58 -1.51
N CYS A 152 -8.60 6.05 -2.64
CA CYS A 152 -7.24 5.70 -3.03
C CYS A 152 -6.24 6.65 -2.42
N TYR A 153 -5.16 6.10 -1.89
CA TYR A 153 -4.11 6.89 -1.29
C TYR A 153 -2.83 6.74 -2.11
N HIS A 154 -2.19 7.85 -2.40
CA HIS A 154 -0.99 7.88 -3.22
C HIS A 154 0.19 8.58 -2.54
N GLY A 155 -0.06 9.07 -1.33
CA GLY A 155 0.97 9.78 -0.59
C GLY A 155 0.53 11.18 -0.24
N HIS A 156 1.31 11.86 0.60
CA HIS A 156 0.97 13.18 1.08
C HIS A 156 1.48 14.30 0.16
N GLY A 157 1.82 13.94 -1.07
CA GLY A 157 2.18 14.93 -2.07
C GLY A 157 1.01 15.87 -2.27
N ASP A 158 1.29 17.17 -2.31
CA ASP A 158 0.24 18.19 -2.41
C ASP A 158 -0.67 17.99 -3.61
N SER A 159 -0.06 17.67 -4.75
CA SER A 159 -0.77 17.40 -6.00
C SER A 159 -1.80 16.26 -5.87
N LEU A 160 -1.68 15.51 -4.77
CA LEU A 160 -2.52 14.34 -4.54
C LEU A 160 -3.39 14.45 -3.30
N LEU A 161 -3.07 15.41 -2.44
CA LEU A 161 -3.89 15.71 -1.26
C LEU A 161 -5.10 16.52 -1.72
N ILE A 162 -6.05 15.79 -2.30
CA ILE A 162 -7.20 16.38 -2.98
C ILE A 162 -8.46 15.54 -2.70
N LYS A 163 -9.63 16.14 -2.88
CA LYS A 163 -10.89 15.40 -2.76
C LYS A 163 -11.84 15.76 -3.90
N ALA A 164 -12.95 15.02 -3.99
CA ALA A 164 -13.97 15.30 -5.00
C ALA A 164 -14.64 16.63 -4.73
N GLY A 165 -14.87 17.40 -5.80
CA GLY A 165 -15.61 18.65 -5.72
C GLY A 165 -17.10 18.40 -5.56
N SER A 166 -17.87 19.48 -5.45
CA SER A 166 -19.32 19.37 -5.40
C SER A 166 -19.86 19.02 -6.78
N GLY A 167 -20.30 17.76 -6.93
CA GLY A 167 -20.80 17.26 -8.21
C GLY A 167 -20.37 15.85 -8.56
N VAL A 168 -20.95 15.31 -9.63
CA VAL A 168 -20.77 13.90 -10.03
C VAL A 168 -19.43 13.61 -10.72
N ALA A 169 -19.14 14.44 -11.75
CA ALA A 169 -17.77 14.53 -12.29
C ALA A 169 -17.30 15.88 -11.81
N THR A 170 -16.11 15.91 -11.21
CA THR A 170 -15.76 17.09 -10.48
C THR A 170 -14.28 17.38 -10.41
N LEU A 171 -13.96 18.60 -10.83
CA LEU A 171 -12.67 19.22 -10.54
C LEU A 171 -12.61 19.36 -9.04
N GLY A 172 -11.49 18.90 -8.46
CA GLY A 172 -11.47 18.66 -7.03
C GLY A 172 -11.35 19.87 -6.13
N LEU A 173 -11.23 19.58 -4.84
CA LEU A 173 -11.02 20.56 -3.80
C LEU A 173 -9.81 20.10 -3.00
N PRO A 174 -9.11 21.04 -2.32
CA PRO A 174 -8.03 20.62 -1.40
C PRO A 174 -8.54 19.71 -0.29
N ASP A 175 -7.80 18.65 0.02
CA ASP A 175 -8.20 17.69 1.05
C ASP A 175 -7.38 17.83 2.34
N SER A 176 -6.80 19.02 2.54
CA SER A 176 -6.01 19.31 3.72
C SER A 176 -5.67 20.79 3.74
N PRO A 177 -5.57 21.37 4.95
CA PRO A 177 -4.99 22.71 5.09
C PRO A 177 -3.53 22.71 4.65
N GLY A 178 -3.08 23.81 4.06
CA GLY A 178 -1.68 23.96 3.68
C GLY A 178 -1.37 23.61 2.25
N VAL A 179 -2.31 22.92 1.62
CA VAL A 179 -2.23 22.59 0.20
C VAL A 179 -2.25 23.88 -0.63
N PRO A 180 -1.34 24.00 -1.62
CA PRO A 180 -1.25 25.20 -2.44
C PRO A 180 -2.58 25.58 -3.08
N GLU A 181 -2.87 26.88 -3.11
CA GLU A 181 -4.11 27.40 -3.67
C GLU A 181 -4.35 26.92 -5.11
N GLY A 182 -5.52 26.33 -5.32
CA GLY A 182 -5.95 25.86 -6.64
C GLY A 182 -5.02 24.81 -7.24
N ILE A 183 -4.49 23.93 -6.39
CA ILE A 183 -3.66 22.82 -6.82
C ILE A 183 -4.56 21.64 -7.14
N ALA A 184 -5.71 21.62 -6.48
CA ALA A 184 -6.69 20.56 -6.61
C ALA A 184 -7.64 20.85 -7.76
N LYS A 185 -7.63 22.09 -8.25
CA LYS A 185 -8.47 22.51 -9.37
C LYS A 185 -8.23 21.68 -10.62
N ASN A 186 -7.00 21.20 -10.77
CA ASN A 186 -6.65 20.33 -11.89
C ASN A 186 -6.51 18.87 -11.46
N THR A 187 -7.47 18.42 -10.67
CA THR A 187 -7.53 17.02 -10.25
C THR A 187 -8.98 16.58 -10.01
N ILE A 188 -9.36 15.49 -10.64
CA ILE A 188 -10.73 15.00 -10.60
C ILE A 188 -10.79 13.75 -9.73
N THR A 189 -11.81 13.68 -8.87
CA THR A 189 -11.98 12.52 -8.01
C THR A 189 -13.37 11.90 -8.22
N VAL A 190 -13.36 10.66 -8.69
CA VAL A 190 -14.58 9.90 -8.90
C VAL A 190 -14.51 8.64 -8.04
N PRO A 191 -15.68 8.05 -7.70
CA PRO A 191 -15.63 6.85 -6.87
C PRO A 191 -14.82 5.71 -7.51
N TYR A 192 -14.14 4.94 -6.69
CA TYR A 192 -13.44 3.73 -7.13
C TYR A 192 -14.43 2.74 -7.71
N ASN A 193 -14.01 1.99 -8.72
CA ASN A 193 -14.89 1.04 -9.42
C ASN A 193 -16.09 1.68 -10.12
N ASP A 194 -16.04 3.01 -10.30
CA ASP A 194 -17.12 3.74 -10.94
C ASP A 194 -16.63 4.24 -12.29
N LEU A 195 -16.67 3.34 -13.27
CA LEU A 195 -16.17 3.62 -14.62
C LEU A 195 -17.01 4.67 -15.34
N GLU A 196 -18.30 4.73 -15.02
CA GLU A 196 -19.21 5.69 -15.64
C GLU A 196 -18.86 7.13 -15.29
N SER A 197 -18.50 7.36 -14.02
CA SER A 197 -18.05 8.67 -13.56
C SER A 197 -16.70 9.06 -14.16
N VAL A 198 -15.89 8.05 -14.50
CA VAL A 198 -14.63 8.25 -15.23
C VAL A 198 -14.94 8.75 -16.64
N LYS A 199 -15.88 8.07 -17.32
CA LYS A 199 -16.34 8.45 -18.65
C LYS A 199 -16.89 9.86 -18.67
N LEU A 200 -17.63 10.21 -17.62
CA LEU A 200 -18.20 11.55 -17.46
C LEU A 200 -17.09 12.58 -17.24
N ALA A 201 -16.10 12.22 -16.43
CA ALA A 201 -14.97 13.11 -16.13
C ALA A 201 -14.21 13.47 -17.41
N PHE A 202 -14.01 12.47 -18.27
CA PHE A 202 -13.31 12.66 -19.53
C PHE A 202 -14.11 13.45 -20.56
N GLN A 203 -15.42 13.19 -20.62
CA GLN A 203 -16.32 13.97 -21.46
C GLN A 203 -16.13 15.47 -21.26
N GLN A 204 -15.90 15.86 -20.01
CA GLN A 204 -15.80 17.27 -19.64
C GLN A 204 -14.38 17.83 -19.69
N PHE A 205 -13.40 17.04 -19.26
CA PHE A 205 -12.02 17.52 -19.14
C PHE A 205 -10.99 16.66 -19.87
N GLY A 206 -11.46 15.62 -20.54
CA GLY A 206 -10.60 14.60 -21.16
C GLY A 206 -9.35 15.08 -21.88
N GLU A 207 -9.49 16.12 -22.70
CA GLU A 207 -8.39 16.63 -23.50
C GLU A 207 -7.36 17.40 -22.66
N ASP A 208 -7.69 17.67 -21.41
CA ASP A 208 -6.73 18.23 -20.46
C ASP A 208 -6.37 17.26 -19.32
N ILE A 209 -6.87 16.03 -19.39
CA ILE A 209 -6.51 15.03 -18.38
C ILE A 209 -5.13 14.45 -18.69
N ALA A 210 -4.17 14.84 -17.86
CA ALA A 210 -2.77 14.40 -18.01
C ALA A 210 -2.62 12.91 -17.74
N GLY A 211 -3.38 12.43 -16.76
CA GLY A 211 -3.28 11.05 -16.36
C GLY A 211 -4.32 10.63 -15.35
N VAL A 212 -4.51 9.32 -15.25
CA VAL A 212 -5.39 8.73 -14.27
C VAL A 212 -4.52 7.90 -13.34
N ILE A 213 -4.54 8.26 -12.07
CA ILE A 213 -3.82 7.49 -11.06
C ILE A 213 -4.84 6.63 -10.31
N VAL A 214 -4.47 5.36 -10.11
CA VAL A 214 -5.35 4.40 -9.48
C VAL A 214 -4.51 3.33 -8.79
N GLU A 215 -4.99 2.85 -7.65
CA GLU A 215 -4.49 1.61 -7.08
C GLU A 215 -5.23 0.50 -7.80
N PRO A 216 -4.50 -0.33 -8.59
CA PRO A 216 -5.17 -1.39 -9.32
C PRO A 216 -5.89 -2.34 -8.36
N VAL A 217 -5.42 -2.36 -7.11
CA VAL A 217 -6.13 -2.97 -6.00
C VAL A 217 -6.02 -1.98 -4.84
N ALA A 218 -7.14 -1.38 -4.48
CA ALA A 218 -7.19 -0.47 -3.37
C ALA A 218 -6.78 -1.21 -2.09
N GLY A 219 -5.85 -0.63 -1.34
CA GLY A 219 -5.41 -1.22 -0.10
C GLY A 219 -5.39 -0.25 1.05
N ASN A 220 -5.79 1.00 0.79
CA ASN A 220 -5.78 2.05 1.80
C ASN A 220 -7.17 2.47 2.23
N MET A 221 -8.17 1.79 1.66
CA MET A 221 -9.55 1.87 2.13
C MET A 221 -10.01 0.44 2.41
N GLY A 222 -9.10 -0.36 2.94
CA GLY A 222 -9.26 -1.80 3.00
C GLY A 222 -8.88 -2.35 1.65
N VAL A 223 -8.81 -3.67 1.54
CA VAL A 223 -8.54 -4.31 0.27
C VAL A 223 -9.83 -4.22 -0.53
N VAL A 224 -9.76 -3.52 -1.66
CA VAL A 224 -10.90 -3.34 -2.54
C VAL A 224 -10.48 -3.67 -3.98
N PRO A 225 -10.75 -4.90 -4.42
CA PRO A 225 -10.37 -5.32 -5.76
C PRO A 225 -11.10 -4.50 -6.80
N PRO A 226 -10.53 -4.39 -8.01
CA PRO A 226 -11.23 -3.69 -9.07
C PRO A 226 -12.39 -4.54 -9.57
N GLN A 227 -13.47 -3.89 -9.99
CA GLN A 227 -14.62 -4.59 -10.58
C GLN A 227 -14.27 -4.98 -12.00
N GLU A 228 -14.96 -6.00 -12.51
CA GLU A 228 -14.79 -6.46 -13.87
C GLU A 228 -14.88 -5.26 -14.82
N GLY A 229 -13.84 -5.11 -15.64
CA GLY A 229 -13.80 -4.06 -16.65
C GLY A 229 -13.36 -2.70 -16.17
N PHE A 230 -13.12 -2.56 -14.87
CA PHE A 230 -12.77 -1.26 -14.30
C PHE A 230 -11.40 -0.78 -14.76
N LEU A 231 -10.40 -1.63 -14.57
CA LEU A 231 -9.02 -1.28 -14.96
C LEU A 231 -8.84 -1.21 -16.47
N GLN A 232 -9.44 -2.15 -17.19
CA GLN A 232 -9.39 -2.17 -18.66
C GLN A 232 -10.07 -0.91 -19.20
N GLY A 233 -11.20 -0.56 -18.58
CA GLY A 233 -11.94 0.64 -18.93
C GLY A 233 -11.12 1.90 -18.71
N LEU A 234 -10.30 1.89 -17.67
CA LEU A 234 -9.39 3.00 -17.39
C LEU A 234 -8.29 3.05 -18.43
N ARG A 235 -7.81 1.88 -18.83
CA ARG A 235 -6.80 1.77 -19.86
C ARG A 235 -7.31 2.29 -21.20
N ASP A 236 -8.57 1.98 -21.52
CA ASP A 236 -9.18 2.38 -22.78
C ASP A 236 -9.46 3.88 -22.84
N ILE A 237 -10.03 4.40 -21.76
CA ILE A 237 -10.44 5.81 -21.71
C ILE A 237 -9.22 6.75 -21.73
N THR A 238 -8.14 6.34 -21.07
CA THR A 238 -6.89 7.09 -21.07
C THR A 238 -6.26 7.14 -22.46
N GLU A 239 -6.24 5.99 -23.14
CA GLU A 239 -5.74 5.91 -24.51
C GLU A 239 -6.56 6.78 -25.45
N GLN A 240 -7.88 6.67 -25.34
CA GLN A 240 -8.82 7.43 -26.16
C GLN A 240 -8.57 8.94 -26.08
N TYR A 241 -8.32 9.43 -24.87
CA TYR A 241 -8.11 10.86 -24.66
C TYR A 241 -6.64 11.25 -24.58
N GLY A 242 -5.74 10.29 -24.79
CA GLY A 242 -4.31 10.54 -24.76
C GLY A 242 -3.75 10.78 -23.37
N SER A 243 -4.49 10.34 -22.35
CA SER A 243 -4.08 10.48 -20.95
C SER A 243 -3.20 9.31 -20.55
N LEU A 244 -2.36 9.52 -19.56
CA LEU A 244 -1.51 8.45 -19.06
C LEU A 244 -2.25 7.62 -18.01
N LEU A 245 -1.96 6.33 -17.95
CA LEU A 245 -2.50 5.49 -16.90
C LEU A 245 -1.38 5.24 -15.91
N ILE A 246 -1.57 5.75 -14.70
CA ILE A 246 -0.60 5.56 -13.65
C ILE A 246 -1.17 4.54 -12.69
N PHE A 247 -0.48 3.42 -12.56
CA PHE A 247 -0.82 2.43 -11.56
C PHE A 247 -0.02 2.71 -10.31
N ASP A 248 -0.72 3.03 -9.25
CA ASP A 248 -0.07 3.12 -7.96
C ASP A 248 0.04 1.73 -7.39
N GLU A 249 1.19 1.11 -7.67
CA GLU A 249 1.50 -0.24 -7.18
C GLU A 249 2.52 -0.22 -6.05
N VAL A 250 2.54 0.87 -5.28
CA VAL A 250 3.42 0.97 -4.13
C VAL A 250 3.14 -0.15 -3.12
N MET A 251 1.86 -0.48 -2.95
CA MET A 251 1.46 -1.58 -2.08
C MET A 251 1.24 -2.88 -2.85
N THR A 252 0.56 -2.79 -3.98
CA THR A 252 0.20 -3.95 -4.79
C THR A 252 1.41 -4.58 -5.46
N GLY A 253 2.42 -3.75 -5.70
CA GLY A 253 3.63 -4.17 -6.39
C GLY A 253 4.29 -5.32 -5.66
N PHE A 254 4.47 -6.42 -6.40
CA PHE A 254 5.14 -7.62 -5.89
C PHE A 254 4.43 -8.26 -4.70
N ARG A 255 3.17 -7.87 -4.48
CA ARG A 255 2.35 -8.41 -3.40
C ARG A 255 1.08 -9.10 -3.88
N VAL A 256 0.33 -8.42 -4.75
CA VAL A 256 -0.88 -8.98 -5.35
C VAL A 256 -0.52 -10.25 -6.12
N ASP A 257 0.52 -10.15 -6.93
CA ASP A 257 1.02 -11.27 -7.72
C ASP A 257 2.50 -11.03 -7.99
N TYR A 258 3.15 -12.05 -8.54
CA TYR A 258 4.55 -12.01 -8.95
C TYR A 258 4.83 -10.87 -9.93
N ASN A 259 3.95 -10.72 -10.91
CA ASN A 259 4.06 -9.66 -11.91
C ASN A 259 3.22 -8.44 -11.55
N CYS A 260 2.99 -8.26 -10.24
CA CYS A 260 2.23 -7.13 -9.72
C CYS A 260 0.75 -7.23 -10.08
N ALA A 261 -0.04 -6.25 -9.64
CA ALA A 261 -1.47 -6.18 -9.98
C ALA A 261 -1.69 -5.96 -11.47
N GLN A 262 -0.79 -5.24 -12.13
CA GLN A 262 -0.90 -5.01 -13.57
C GLN A 262 -0.70 -6.29 -14.39
N GLY A 263 0.15 -7.19 -13.89
CA GLY A 263 0.32 -8.49 -14.51
C GLY A 263 -0.82 -9.43 -14.14
N TYR A 264 -1.24 -9.36 -12.89
CA TYR A 264 -2.33 -10.18 -12.36
C TYR A 264 -3.64 -9.93 -13.11
N PHE A 265 -3.94 -8.67 -13.37
CA PHE A 265 -5.18 -8.29 -14.03
C PHE A 265 -5.02 -8.08 -15.54
N GLY A 266 -3.79 -8.25 -16.03
CA GLY A 266 -3.47 -8.12 -17.46
C GLY A 266 -3.82 -6.75 -18.02
N VAL A 267 -3.58 -5.72 -17.22
CA VAL A 267 -3.80 -4.34 -17.65
C VAL A 267 -2.51 -3.59 -17.44
N THR A 268 -1.94 -3.09 -18.53
CA THR A 268 -0.63 -2.46 -18.52
C THR A 268 -0.76 -0.94 -18.52
N PRO A 269 -0.33 -0.29 -17.44
CA PRO A 269 -0.33 1.17 -17.34
C PRO A 269 0.85 1.78 -18.10
N ASP A 270 0.82 3.10 -18.28
CA ASP A 270 1.90 3.81 -18.93
C ASP A 270 3.01 4.08 -17.92
N LEU A 271 2.58 4.32 -16.69
CA LEU A 271 3.48 4.56 -15.57
C LEU A 271 3.11 3.67 -14.39
N THR A 272 4.13 3.27 -13.63
CA THR A 272 3.93 2.47 -12.44
C THR A 272 4.74 3.02 -11.27
N CYS A 273 4.06 3.27 -10.16
CA CYS A 273 4.69 3.73 -8.95
C CYS A 273 4.88 2.54 -8.04
N LEU A 274 6.12 2.35 -7.60
CA LEU A 274 6.47 1.21 -6.77
C LEU A 274 7.07 1.68 -5.46
N GLY A 275 7.17 0.76 -4.52
CA GLY A 275 7.76 1.04 -3.23
C GLY A 275 7.69 -0.19 -2.36
N LYS A 276 7.76 -0.01 -1.05
CA LYS A 276 7.67 -1.15 -0.13
C LYS A 276 8.56 -2.30 -0.58
N VAL A 277 7.99 -3.46 -0.79
CA VAL A 277 8.78 -4.64 -1.13
C VAL A 277 10.12 -4.27 -1.77
N ILE A 278 10.15 -3.31 -2.73
CA ILE A 278 11.39 -2.99 -3.47
C ILE A 278 12.49 -2.39 -2.59
N GLY A 279 12.16 -2.11 -1.33
CA GLY A 279 13.14 -1.61 -0.37
C GLY A 279 13.43 -2.62 0.71
N GLY A 280 12.66 -3.71 0.73
CA GLY A 280 12.76 -4.76 1.72
C GLY A 280 12.66 -4.28 3.16
N GLY A 281 11.93 -3.18 3.37
CA GLY A 281 11.76 -2.62 4.71
C GLY A 281 12.50 -1.32 4.94
N LEU A 282 13.29 -0.89 3.96
CA LEU A 282 14.00 0.39 4.04
C LEU A 282 13.26 1.44 3.23
N PRO A 283 13.45 2.74 3.56
CA PRO A 283 12.79 3.79 2.78
C PRO A 283 13.14 3.66 1.31
N VAL A 284 12.12 3.66 0.47
CA VAL A 284 12.28 3.42 -0.95
C VAL A 284 11.02 3.88 -1.68
N GLY A 285 11.13 3.91 -3.00
CA GLY A 285 10.01 4.18 -3.86
C GLY A 285 10.61 4.18 -5.24
N ALA A 286 9.76 4.20 -6.24
CA ALA A 286 10.19 4.27 -7.62
C ALA A 286 9.00 4.54 -8.50
N TYR A 287 9.26 5.25 -9.59
CA TYR A 287 8.30 5.38 -10.65
C TYR A 287 8.98 5.04 -11.96
N GLY A 288 8.27 4.29 -12.79
CA GLY A 288 8.80 3.83 -14.06
C GLY A 288 7.69 3.70 -15.05
N GLY A 289 8.00 3.12 -16.21
CA GLY A 289 7.02 2.91 -17.24
C GLY A 289 7.63 2.88 -18.62
N LYS A 290 6.87 3.35 -19.61
CA LYS A 290 7.35 3.45 -20.97
C LYS A 290 8.57 4.35 -21.00
N ALA A 291 9.59 3.92 -21.75
CA ALA A 291 10.86 4.64 -21.86
C ALA A 291 10.68 6.10 -22.30
N GLU A 292 10.01 6.30 -23.44
CA GLU A 292 9.82 7.64 -24.01
C GLU A 292 9.17 8.64 -23.06
N ILE A 293 8.34 8.13 -22.13
CA ILE A 293 7.75 8.98 -21.09
C ILE A 293 8.80 9.27 -20.02
N MET A 294 9.43 8.20 -19.53
CA MET A 294 10.46 8.28 -18.50
C MET A 294 11.68 9.10 -18.92
N GLU A 295 12.00 9.09 -20.21
CA GLU A 295 13.09 9.90 -20.78
C GLU A 295 12.94 11.40 -20.54
N GLN A 296 11.70 11.83 -20.28
CA GLN A 296 11.40 13.24 -20.03
C GLN A 296 11.85 13.69 -18.64
N ILE A 297 12.21 12.73 -17.80
CA ILE A 297 12.74 12.99 -16.47
C ILE A 297 14.19 13.43 -16.56
N ALA A 298 14.56 14.41 -15.72
CA ALA A 298 15.93 14.92 -15.63
C ALA A 298 16.88 13.79 -15.22
N PRO A 299 18.15 13.85 -15.68
CA PRO A 299 18.77 14.90 -16.49
C PRO A 299 18.54 14.72 -18.01
N SER A 300 17.97 13.59 -18.42
CA SER A 300 17.74 13.32 -19.84
C SER A 300 16.60 14.13 -20.46
N GLY A 301 15.68 14.61 -19.62
CA GLY A 301 14.56 15.40 -20.09
C GLY A 301 14.30 16.62 -19.23
N PRO A 302 13.32 17.45 -19.64
CA PRO A 302 12.99 18.73 -19.00
C PRO A 302 12.27 18.61 -17.64
N ILE A 303 11.55 17.52 -17.42
CA ILE A 303 10.77 17.35 -16.20
C ILE A 303 11.72 17.09 -15.04
N TYR A 304 11.78 18.02 -14.11
CA TYR A 304 12.74 17.94 -13.03
C TYR A 304 12.26 17.03 -11.91
N GLN A 305 13.14 16.12 -11.50
CA GLN A 305 12.96 15.29 -10.33
C GLN A 305 14.37 14.90 -9.92
N ALA A 306 14.73 15.22 -8.68
CA ALA A 306 16.00 14.81 -8.12
C ALA A 306 15.78 14.09 -6.80
N GLY A 307 16.85 13.47 -6.31
CA GLY A 307 16.87 12.87 -4.98
C GLY A 307 18.31 12.55 -4.65
N THR A 308 18.84 13.21 -3.61
CA THR A 308 20.26 13.06 -3.31
C THR A 308 20.58 11.70 -2.71
N LEU A 309 19.61 11.10 -2.04
CA LEU A 309 19.80 9.80 -1.41
C LEU A 309 18.97 8.69 -2.07
N SER A 310 18.38 8.99 -3.22
CA SER A 310 17.64 8.02 -4.02
C SER A 310 18.59 6.92 -4.51
N GLY A 311 18.05 5.70 -4.65
CA GLY A 311 18.87 4.57 -5.07
C GLY A 311 19.87 4.22 -3.99
N ASN A 312 19.44 4.38 -2.74
CA ASN A 312 20.26 4.05 -1.60
C ASN A 312 20.66 2.59 -1.62
N PRO A 313 21.99 2.33 -1.58
CA PRO A 313 22.56 0.99 -1.65
C PRO A 313 21.90 -0.01 -0.68
N LEU A 314 21.70 0.38 0.57
CA LEU A 314 21.02 -0.48 1.55
C LEU A 314 19.60 -0.85 1.12
N ALA A 315 18.83 0.15 0.70
CA ALA A 315 17.46 -0.08 0.25
C ALA A 315 17.42 -0.87 -1.05
N MET A 316 18.32 -0.55 -1.98
CA MET A 316 18.42 -1.28 -3.24
C MET A 316 18.77 -2.75 -2.98
N THR A 317 19.69 -2.99 -2.05
CA THR A 317 20.12 -4.35 -1.73
C THR A 317 19.00 -5.14 -1.06
N ALA A 318 18.44 -4.59 0.01
CA ALA A 318 17.34 -5.24 0.75
C ALA A 318 16.19 -5.57 -0.17
N GLY A 319 15.82 -4.62 -1.02
CA GLY A 319 14.76 -4.82 -2.00
C GLY A 319 15.12 -5.87 -3.01
N LEU A 320 16.37 -5.87 -3.46
CA LEU A 320 16.88 -6.86 -4.39
C LEU A 320 16.84 -8.26 -3.78
N GLU A 321 17.33 -8.38 -2.56
CA GLU A 321 17.40 -9.67 -1.87
C GLU A 321 16.02 -10.19 -1.45
N THR A 322 15.08 -9.27 -1.24
CA THR A 322 13.71 -9.61 -0.93
C THR A 322 13.05 -10.22 -2.16
N LEU A 323 13.15 -9.50 -3.28
CA LEU A 323 12.53 -9.88 -4.53
C LEU A 323 13.08 -11.19 -5.10
N LYS A 324 14.39 -11.38 -5.01
CA LYS A 324 15.03 -12.61 -5.47
C LYS A 324 14.44 -13.89 -4.85
N GLN A 325 13.99 -13.77 -3.60
CA GLN A 325 13.43 -14.90 -2.87
C GLN A 325 11.92 -15.12 -3.14
N LEU A 326 11.32 -14.22 -3.91
CA LEU A 326 9.93 -14.36 -4.31
C LEU A 326 9.81 -15.06 -5.65
N THR A 327 8.95 -16.08 -5.69
CA THR A 327 8.68 -16.86 -6.89
C THR A 327 7.16 -16.87 -7.09
N PRO A 328 6.68 -17.35 -8.25
CA PRO A 328 5.23 -17.58 -8.42
C PRO A 328 4.55 -18.38 -7.29
N ASP A 329 5.27 -19.36 -6.74
CA ASP A 329 4.72 -20.22 -5.70
C ASP A 329 4.53 -19.50 -4.37
N SER A 330 5.34 -18.49 -4.10
CA SER A 330 5.16 -17.63 -2.92
C SER A 330 3.72 -17.14 -2.87
N TYR A 331 3.23 -16.68 -4.01
CA TYR A 331 1.89 -16.12 -4.14
C TYR A 331 0.82 -17.19 -4.12
N LYS A 332 1.13 -18.37 -4.65
CA LYS A 332 0.29 -19.55 -4.47
C LYS A 332 0.04 -19.82 -2.98
N ASN A 333 1.10 -19.74 -2.19
CA ASN A 333 1.00 -19.99 -0.75
C ASN A 333 0.25 -18.87 -0.03
N PHE A 334 0.50 -17.64 -0.46
CA PHE A 334 -0.29 -16.50 0.00
C PHE A 334 -1.79 -16.77 -0.15
N ILE A 335 -2.20 -17.15 -1.35
CA ILE A 335 -3.61 -17.39 -1.64
C ILE A 335 -4.16 -18.51 -0.76
N LYS A 336 -3.42 -19.61 -0.64
CA LYS A 336 -3.82 -20.75 0.22
C LYS A 336 -3.91 -20.34 1.68
N LYS A 337 -2.95 -19.59 2.19
CA LYS A 337 -3.02 -18.97 3.48
C LYS A 337 -4.20 -18.04 3.65
N GLY A 338 -4.42 -17.25 2.60
CA GLY A 338 -5.58 -16.37 2.59
C GLY A 338 -6.91 -17.10 2.60
N ASP A 339 -6.99 -18.22 1.91
CA ASP A 339 -8.21 -19.03 1.89
C ASP A 339 -8.58 -19.50 3.28
N ARG A 340 -7.63 -20.12 3.97
CA ARG A 340 -7.86 -20.62 5.32
C ARG A 340 -8.17 -19.47 6.28
N LEU A 341 -7.41 -18.39 6.16
CA LEU A 341 -7.66 -17.16 6.90
C LEU A 341 -9.09 -16.66 6.70
N GLU A 342 -9.51 -16.55 5.44
CA GLU A 342 -10.84 -16.08 5.12
C GLU A 342 -11.91 -17.04 5.65
N GLU A 343 -11.75 -18.32 5.36
CA GLU A 343 -12.68 -19.35 5.79
C GLU A 343 -12.82 -19.39 7.32
N GLY A 344 -11.68 -19.49 8.02
CA GLY A 344 -11.68 -19.58 9.47
C GLY A 344 -12.25 -18.36 10.17
N ILE A 345 -11.85 -17.18 9.71
CA ILE A 345 -12.35 -15.91 10.25
C ILE A 345 -13.83 -15.73 9.91
N SER A 346 -14.22 -16.07 8.69
CA SER A 346 -15.62 -15.98 8.25
C SER A 346 -16.56 -16.90 9.03
N LYS A 347 -16.13 -18.14 9.27
CA LYS A 347 -16.93 -19.08 10.04
C LYS A 347 -17.06 -18.58 11.49
N ALA A 348 -15.94 -18.15 12.06
CA ALA A 348 -15.93 -17.56 13.40
C ALA A 348 -16.93 -16.40 13.48
N ALA A 349 -16.90 -15.52 12.47
CA ALA A 349 -17.80 -14.38 12.40
C ALA A 349 -19.27 -14.81 12.29
N GLU A 350 -19.55 -15.74 11.37
CA GLU A 350 -20.88 -16.33 11.26
C GLU A 350 -21.38 -16.87 12.60
N ALA A 351 -20.55 -17.70 13.24
CA ALA A 351 -20.90 -18.38 14.48
C ALA A 351 -21.29 -17.41 15.59
N HIS A 352 -20.68 -16.23 15.60
CA HIS A 352 -20.93 -15.23 16.62
C HIS A 352 -21.70 -14.01 16.10
N GLY A 353 -22.37 -14.20 14.97
CA GLY A 353 -23.21 -13.16 14.36
C GLY A 353 -22.49 -11.87 14.04
N ILE A 354 -21.19 -11.97 13.78
CA ILE A 354 -20.38 -10.80 13.45
C ILE A 354 -20.53 -10.46 11.96
N PRO A 355 -21.03 -9.24 11.65
CA PRO A 355 -21.09 -8.81 10.26
C PRO A 355 -19.70 -8.79 9.67
N HIS A 356 -19.55 -9.36 8.49
CA HIS A 356 -18.23 -9.50 7.85
C HIS A 356 -18.33 -9.69 6.35
N THR A 357 -17.31 -9.22 5.65
CA THR A 357 -17.15 -9.44 4.21
C THR A 357 -15.68 -9.42 3.87
N PHE A 358 -15.21 -10.48 3.22
CA PHE A 358 -13.83 -10.56 2.78
C PHE A 358 -13.64 -10.09 1.34
N ASN A 359 -12.55 -9.38 1.11
CA ASN A 359 -12.14 -9.04 -0.25
C ASN A 359 -10.80 -9.66 -0.57
N ARG A 360 -10.75 -10.35 -1.71
CA ARG A 360 -9.54 -10.99 -2.18
C ARG A 360 -9.15 -10.41 -3.53
N ALA A 361 -7.88 -10.07 -3.68
CA ALA A 361 -7.34 -9.65 -4.96
C ALA A 361 -5.94 -10.21 -5.07
N GLY A 362 -5.82 -11.32 -5.80
CA GLY A 362 -4.56 -12.05 -5.87
C GLY A 362 -4.19 -12.54 -4.48
N SER A 363 -3.02 -12.13 -4.02
CA SER A 363 -2.51 -12.56 -2.73
C SER A 363 -2.85 -11.55 -1.64
N MET A 364 -3.62 -10.54 -2.03
CA MET A 364 -4.09 -9.52 -1.11
C MET A 364 -5.44 -9.90 -0.52
N ILE A 365 -5.53 -9.74 0.80
CA ILE A 365 -6.69 -10.17 1.56
C ILE A 365 -7.03 -9.11 2.60
N GLY A 366 -8.31 -9.00 2.91
CA GLY A 366 -8.77 -8.10 3.95
C GLY A 366 -10.26 -8.27 4.12
N PHE A 367 -10.73 -8.01 5.34
CA PHE A 367 -12.16 -8.06 5.61
C PHE A 367 -12.69 -6.84 6.31
N PHE A 368 -13.99 -6.62 6.17
CA PHE A 368 -14.67 -5.47 6.72
C PHE A 368 -15.76 -5.96 7.65
N PHE A 369 -15.99 -5.22 8.72
CA PHE A 369 -17.05 -5.56 9.65
C PHE A 369 -18.38 -4.98 9.16
N THR A 370 -18.80 -5.53 8.02
CA THR A 370 -20.10 -5.26 7.40
C THR A 370 -20.45 -6.48 6.54
N ASN A 371 -21.73 -6.78 6.37
CA ASN A 371 -22.14 -7.90 5.52
C ASN A 371 -22.31 -7.47 4.06
N GLU A 372 -22.30 -6.16 3.85
CA GLU A 372 -22.48 -5.60 2.51
C GLU A 372 -21.15 -5.57 1.76
N PRO A 373 -21.16 -6.00 0.48
CA PRO A 373 -19.94 -6.05 -0.32
C PRO A 373 -19.26 -4.69 -0.42
N VAL A 374 -17.94 -4.70 -0.23
CA VAL A 374 -17.16 -3.48 -0.27
C VAL A 374 -16.51 -3.35 -1.66
N ILE A 375 -17.05 -2.42 -2.44
CA ILE A 375 -16.66 -2.24 -3.84
C ILE A 375 -16.09 -0.84 -4.08
N ASN A 376 -16.05 -0.04 -3.02
CA ASN A 376 -15.56 1.33 -3.08
C ASN A 376 -15.41 1.90 -1.67
N TYR A 377 -15.06 3.18 -1.61
CA TYR A 377 -14.81 3.86 -0.34
C TYR A 377 -16.10 3.98 0.48
N GLU A 378 -17.19 4.37 -0.18
CA GLU A 378 -18.49 4.52 0.46
C GLU A 378 -18.98 3.26 1.18
N THR A 379 -18.84 2.12 0.52
CA THR A 379 -19.22 0.83 1.11
C THR A 379 -18.21 0.31 2.13
N ALA A 380 -16.95 0.70 1.99
CA ALA A 380 -15.94 0.45 3.02
C ALA A 380 -16.25 1.23 4.30
N LYS A 381 -16.82 2.43 4.13
CA LYS A 381 -17.16 3.32 5.25
C LYS A 381 -18.39 2.84 6.00
N ALA A 382 -19.04 1.81 5.44
CA ALA A 382 -20.21 1.19 6.03
C ALA A 382 -19.81 0.18 7.10
N SER A 383 -18.51 -0.09 7.22
CA SER A 383 -18.00 -1.07 8.17
C SER A 383 -18.17 -0.61 9.60
N ASP A 384 -18.36 -1.57 10.51
CA ASP A 384 -18.51 -1.25 11.93
C ASP A 384 -17.15 -0.92 12.51
N LEU A 385 -16.81 0.37 12.44
CA LEU A 385 -15.52 0.88 12.87
C LEU A 385 -15.28 0.71 14.36
N LYS A 386 -16.33 0.85 15.16
CA LYS A 386 -16.24 0.65 16.60
C LYS A 386 -15.98 -0.81 16.94
N LEU A 387 -16.67 -1.70 16.23
CA LEU A 387 -16.44 -3.13 16.34
C LEU A 387 -14.99 -3.46 16.01
N PHE A 388 -14.47 -2.87 14.94
CA PHE A 388 -13.08 -3.09 14.58
C PHE A 388 -12.14 -2.61 15.68
N ALA A 389 -12.42 -1.43 16.22
CA ALA A 389 -11.65 -0.87 17.32
C ALA A 389 -11.53 -1.87 18.48
N SER A 390 -12.65 -2.44 18.89
CA SER A 390 -12.74 -3.43 19.92
C SER A 390 -12.09 -4.72 19.60
N TYR A 391 -12.41 -5.25 18.44
CA TYR A 391 -11.85 -6.47 17.88
C TYR A 391 -10.33 -6.45 17.85
N TYR A 392 -9.77 -5.33 17.40
CA TYR A 392 -8.32 -5.15 17.31
C TYR A 392 -7.63 -5.37 18.65
N LYS A 393 -8.18 -4.75 19.69
CA LYS A 393 -7.66 -4.88 21.05
C LYS A 393 -7.60 -6.35 21.46
N GLY A 394 -8.70 -7.07 21.21
CA GLY A 394 -8.77 -8.50 21.48
C GLY A 394 -7.75 -9.32 20.72
N MET A 395 -7.47 -8.92 19.49
CA MET A 395 -6.55 -9.67 18.64
C MET A 395 -5.09 -9.47 19.06
N ALA A 396 -4.73 -8.22 19.34
CA ALA A 396 -3.41 -7.92 19.89
C ALA A 396 -3.14 -8.71 21.18
N ASN A 397 -4.17 -8.80 22.04
CA ASN A 397 -4.10 -9.60 23.27
C ASN A 397 -3.95 -11.10 23.01
N GLU A 398 -4.47 -11.56 21.88
CA GLU A 398 -4.33 -12.97 21.49
C GLU A 398 -3.05 -13.24 20.69
N GLY A 399 -2.22 -12.23 20.52
CA GLY A 399 -0.93 -12.39 19.86
C GLY A 399 -1.03 -12.23 18.35
N VAL A 400 -1.93 -11.37 17.93
CA VAL A 400 -2.07 -11.05 16.52
C VAL A 400 -1.96 -9.56 16.33
N PHE A 401 -0.90 -9.14 15.63
CA PHE A 401 -0.69 -7.73 15.33
C PHE A 401 -1.30 -7.39 13.98
N LEU A 402 -2.43 -6.71 14.03
CA LEU A 402 -3.16 -6.29 12.83
C LEU A 402 -2.87 -4.83 12.53
N PRO A 403 -3.11 -4.40 11.28
CA PRO A 403 -3.09 -2.97 11.02
C PRO A 403 -4.11 -2.24 11.92
N PRO A 404 -3.66 -1.22 12.67
CA PRO A 404 -4.59 -0.46 13.52
C PRO A 404 -5.53 0.44 12.71
N SER A 405 -6.24 -0.18 11.77
CA SER A 405 -7.20 0.49 10.91
C SER A 405 -8.05 -0.57 10.22
N GLN A 406 -9.35 -0.31 10.15
CA GLN A 406 -10.28 -1.14 9.39
C GLN A 406 -10.01 -1.00 7.90
N PHE A 407 -9.46 0.16 7.52
CA PHE A 407 -9.21 0.48 6.12
C PHE A 407 -7.83 -0.02 5.68
N GLU A 408 -7.51 -1.25 6.08
CA GLU A 408 -6.27 -1.92 5.73
C GLU A 408 -6.55 -3.40 5.55
N GLY A 409 -5.76 -4.05 4.72
CA GLY A 409 -5.88 -5.49 4.53
C GLY A 409 -5.07 -6.26 5.53
N LEU A 410 -4.94 -7.57 5.29
CA LEU A 410 -4.10 -8.42 6.10
C LEU A 410 -2.86 -8.75 5.28
N PHE A 411 -1.70 -8.25 5.73
CA PHE A 411 -0.47 -8.44 4.99
C PHE A 411 0.10 -9.81 5.31
N LEU A 412 0.31 -10.61 4.27
CA LEU A 412 0.87 -11.93 4.43
C LEU A 412 2.34 -11.93 4.06
N SER A 413 3.08 -12.85 4.67
CA SER A 413 4.48 -13.06 4.33
C SER A 413 4.70 -14.51 3.95
N THR A 414 5.88 -14.80 3.40
CA THR A 414 6.29 -16.16 3.08
C THR A 414 6.59 -16.92 4.37
N ALA A 415 6.75 -16.17 5.46
CA ALA A 415 7.11 -16.73 6.76
C ALA A 415 5.91 -17.17 7.58
N HIS A 416 4.72 -16.68 7.21
CA HIS A 416 3.46 -17.10 7.83
C HIS A 416 3.24 -18.59 7.60
N THR A 417 3.07 -19.30 8.71
CA THR A 417 2.89 -20.74 8.71
C THR A 417 1.41 -21.08 8.88
N ASP A 418 1.06 -22.35 8.61
CA ASP A 418 -0.30 -22.84 8.84
C ASP A 418 -0.68 -22.66 10.31
N GLU A 419 0.27 -22.91 11.21
CA GLU A 419 0.05 -22.71 12.63
C GLU A 419 -0.31 -21.26 12.95
N ASP A 420 0.39 -20.32 12.30
CA ASP A 420 0.09 -18.89 12.42
C ASP A 420 -1.35 -18.58 12.05
N ILE A 421 -1.78 -19.15 10.92
CA ILE A 421 -3.13 -18.95 10.41
C ILE A 421 -4.16 -19.53 11.37
N GLU A 422 -3.90 -20.76 11.84
CA GLU A 422 -4.79 -21.41 12.80
C GLU A 422 -4.94 -20.58 14.06
N ASN A 423 -3.80 -20.18 14.63
CA ASN A 423 -3.78 -19.34 15.82
C ASN A 423 -4.48 -18.00 15.59
N THR A 424 -4.31 -17.45 14.39
CA THR A 424 -4.98 -16.21 14.00
C THR A 424 -6.51 -16.38 13.94
N ILE A 425 -6.95 -17.51 13.39
CA ILE A 425 -8.36 -17.88 13.36
C ILE A 425 -8.89 -18.08 14.76
N GLN A 426 -8.15 -18.84 15.57
CA GLN A 426 -8.52 -19.13 16.96
C GLN A 426 -8.64 -17.84 17.75
N ALA A 427 -7.70 -16.92 17.49
CA ALA A 427 -7.71 -15.60 18.08
C ALA A 427 -8.98 -14.85 17.69
N ALA A 428 -9.43 -15.04 16.45
CA ALA A 428 -10.63 -14.36 15.95
C ALA A 428 -11.90 -14.98 16.54
N GLU A 429 -11.92 -16.31 16.64
CA GLU A 429 -13.01 -17.04 17.30
C GLU A 429 -13.20 -16.53 18.73
N LYS A 430 -12.12 -16.57 19.50
CA LYS A 430 -12.11 -16.07 20.88
C LYS A 430 -12.64 -14.62 20.96
N VAL A 431 -12.09 -13.75 20.12
CA VAL A 431 -12.44 -12.33 20.11
C VAL A 431 -13.89 -12.10 19.71
N PHE A 432 -14.34 -12.82 18.68
CA PHE A 432 -15.73 -12.74 18.22
C PHE A 432 -16.73 -13.24 19.26
N ALA A 433 -16.40 -14.35 19.94
CA ALA A 433 -17.23 -14.88 21.01
C ALA A 433 -17.42 -13.85 22.12
N GLU A 434 -16.31 -13.35 22.66
CA GLU A 434 -16.31 -12.27 23.65
C GLU A 434 -17.20 -11.10 23.21
N ILE A 435 -17.00 -10.60 21.99
CA ILE A 435 -17.80 -9.50 21.47
C ILE A 435 -19.29 -9.88 21.41
N SER A 436 -19.58 -11.10 20.97
CA SER A 436 -20.96 -11.59 20.83
C SER A 436 -21.70 -11.76 22.18
N ARG A 437 -20.95 -12.06 23.24
CA ARG A 437 -21.52 -12.23 24.59
C ARG A 437 -21.90 -10.91 25.24
N ARG A 438 -21.34 -9.82 24.73
CA ARG A 438 -21.54 -8.49 25.30
C ARG A 438 -23.00 -8.07 25.33
N1 PMP B . 0.69 4.58 -2.85
C2 PMP B . 0.19 3.52 -2.12
C2A PMP B . -0.67 2.49 -2.77
C3 PMP B . 0.57 3.37 -0.79
O3 PMP B . 0.16 2.28 -0.09
C4 PMP B . 1.38 4.33 -0.18
C4A PMP B . 1.77 4.18 1.27
N4A PMP B . 2.57 2.99 1.43
C5 PMP B . 1.82 5.42 -0.92
C6 PMP B . 1.39 5.58 -2.24
C5A PMP B . 2.74 6.44 -0.30
O4P PMP B . 3.64 5.78 0.56
P PMP B . 4.59 6.63 1.55
O1P PMP B . 3.86 6.86 2.85
O2P PMP B . 4.92 7.97 0.92
O3P PMP B . 5.87 5.86 1.81
#